data_6P7F
#
_entry.id   6P7F
#
_cell.length_a   99.340
_cell.length_b   99.340
_cell.length_c   84.000
_cell.angle_alpha   90.000
_cell.angle_beta   90.000
_cell.angle_gamma   90.000
#
_symmetry.space_group_name_H-M   'P 41 21 2'
#
loop_
_entity.id
_entity.type
_entity.pdbx_description
1 polymer 'Multidrug resistance-associated protein 6'
2 non-polymer 'SULFATE ION'
#
_entity_poly.entity_id   1
_entity_poly.type   'polypeptide(L)'
_entity_poly.pdbx_seq_one_letter_code
;AAQPPWPQGGQIEFRDFGLRYRPELPLAVQGVSFKIHAGEKVGIVGRTGAGKSSLASGLLRLQEAAEGGIWIDGVPIAHV
GLHTLRSRISIIPQDPILFPGSLRMNLDLLQEHSDEAIWAALETVQLKALVASLPGQLQYKCADRGEDLSVGQKQLLCLA
RALLRKTQILILDEATAAVDPGTELQMQAMLGSWFAQCTVLLIAHDLRSVMDCARVLVMDKGQVAESGSPAQLLAQKGLF
YRLAQESGLV
;
_entity_poly.pdbx_strand_id   A
#
loop_
_chem_comp.id
_chem_comp.type
_chem_comp.name
_chem_comp.formula
SO4 non-polymer 'SULFATE ION' 'O4 S -2'
#
# COMPACT_ATOMS: atom_id res chain seq x y z
N ALA A 2 10.71 21.24 17.95
CA ALA A 2 10.36 19.85 17.74
C ALA A 2 11.05 19.23 16.54
N GLN A 3 11.08 17.91 16.52
CA GLN A 3 11.69 17.15 15.45
C GLN A 3 10.62 16.32 14.78
N PRO A 4 10.84 15.92 13.54
CA PRO A 4 9.88 15.12 12.79
C PRO A 4 9.66 13.76 13.39
N PRO A 5 8.44 13.25 13.33
CA PRO A 5 7.93 11.96 13.81
C PRO A 5 8.67 10.70 13.35
N TRP A 6 8.26 9.57 13.87
CA TRP A 6 9.13 8.40 13.75
C TRP A 6 9.39 7.99 12.31
N PRO A 7 8.39 7.80 11.45
CA PRO A 7 8.75 7.47 10.07
C PRO A 7 9.28 8.71 9.39
N GLN A 8 10.52 9.08 9.74
CA GLN A 8 11.11 10.31 9.20
C GLN A 8 11.28 10.21 7.70
N GLY A 9 11.74 9.05 7.21
CA GLY A 9 12.00 8.86 5.80
C GLY A 9 11.20 7.71 5.23
N GLY A 10 10.81 6.78 6.09
CA GLY A 10 10.06 5.62 5.64
C GLY A 10 10.94 4.53 5.06
N GLN A 11 12.22 4.53 5.40
CA GLN A 11 13.13 3.49 4.95
C GLN A 11 12.82 2.20 5.70
N ILE A 12 12.53 1.14 4.97
CA ILE A 12 12.12 -0.13 5.53
C ILE A 12 13.19 -1.16 5.24
N GLU A 13 13.47 -2.02 6.22
CA GLU A 13 14.43 -3.09 6.05
C GLU A 13 13.85 -4.39 6.56
N PHE A 14 13.85 -5.41 5.72
CA PHE A 14 13.54 -6.79 6.11
C PHE A 14 14.85 -7.53 6.29
N ARG A 15 15.04 -8.19 7.43
CA ARG A 15 16.29 -8.88 7.73
C ARG A 15 15.97 -10.35 8.04
N ASP A 16 16.08 -11.22 7.04
CA ASP A 16 15.77 -12.63 7.21
C ASP A 16 14.40 -12.75 7.81
N PHE A 17 13.40 -12.20 7.15
CA PHE A 17 12.11 -12.09 7.79
C PHE A 17 11.26 -13.28 7.37
N GLY A 18 10.51 -13.81 8.32
CA GLY A 18 9.53 -14.84 8.02
C GLY A 18 8.42 -14.76 9.04
N LEU A 19 7.23 -15.19 8.62
CA LEU A 19 6.10 -15.28 9.53
C LEU A 19 5.22 -16.47 9.17
N ARG A 20 4.27 -16.76 10.06
CA ARG A 20 3.27 -17.78 9.86
C ARG A 20 1.94 -17.24 10.37
N TYR A 21 0.86 -17.64 9.70
CA TYR A 21 -0.46 -17.14 10.05
C TYR A 21 -1.11 -17.90 11.20
N ARG A 22 -0.67 -19.13 11.47
CA ARG A 22 -1.13 -19.89 12.62
C ARG A 22 0.05 -20.70 13.13
N PRO A 23 0.12 -20.97 14.44
CA PRO A 23 1.29 -21.72 14.95
C PRO A 23 1.48 -23.07 14.29
N GLU A 24 0.39 -23.83 14.13
CA GLU A 24 0.49 -25.14 13.47
C GLU A 24 1.03 -25.02 12.06
N LEU A 25 0.69 -23.93 11.37
CA LEU A 25 1.03 -23.80 9.96
C LEU A 25 2.51 -23.55 9.74
N PRO A 26 3.06 -23.96 8.60
CA PRO A 26 4.47 -23.67 8.31
C PRO A 26 4.61 -22.21 7.90
N LEU A 27 5.86 -21.78 7.76
CA LEU A 27 6.13 -20.40 7.38
C LEU A 27 5.42 -20.07 6.07
N ALA A 28 4.75 -18.93 6.05
CA ALA A 28 4.23 -18.39 4.79
C ALA A 28 5.33 -17.76 3.96
N VAL A 29 6.22 -17.00 4.61
CA VAL A 29 7.45 -16.48 4.02
C VAL A 29 8.59 -16.77 4.97
N GLN A 30 9.81 -16.73 4.45
CA GLN A 30 10.99 -16.97 5.27
C GLN A 30 12.22 -16.46 4.55
N GLY A 31 13.21 -16.02 5.33
CA GLY A 31 14.45 -15.54 4.78
C GLY A 31 14.29 -14.33 3.89
N VAL A 32 13.32 -13.48 4.18
CA VAL A 32 13.02 -12.33 3.33
C VAL A 32 13.91 -11.18 3.79
N SER A 33 14.83 -10.77 2.93
CA SER A 33 15.75 -9.68 3.23
C SER A 33 15.79 -8.72 2.06
N PHE A 34 15.32 -7.51 2.29
CA PHE A 34 15.44 -6.44 1.31
C PHE A 34 15.37 -5.12 2.05
N LYS A 35 15.91 -4.07 1.43
CA LYS A 35 15.95 -2.75 2.03
C LYS A 35 15.28 -1.77 1.07
N ILE A 36 14.17 -1.19 1.48
CA ILE A 36 13.46 -0.17 0.69
C ILE A 36 13.96 1.20 1.10
N HIS A 37 14.26 2.05 0.13
CA HIS A 37 14.86 3.33 0.45
C HIS A 37 13.80 4.33 0.89
N ALA A 38 14.22 5.32 1.66
CA ALA A 38 13.28 6.36 2.08
C ALA A 38 12.72 7.04 0.85
N GLY A 39 11.40 7.00 0.73
CA GLY A 39 10.70 7.69 -0.34
C GLY A 39 10.60 6.91 -1.62
N GLU A 40 11.02 5.65 -1.61
CA GLU A 40 11.01 4.83 -2.81
C GLU A 40 9.61 4.32 -3.09
N LYS A 41 9.25 4.25 -4.36
CA LYS A 41 8.05 3.54 -4.80
C LYS A 41 8.50 2.14 -5.23
N VAL A 42 8.13 1.13 -4.47
CA VAL A 42 8.48 -0.22 -4.84
C VAL A 42 7.21 -1.02 -5.08
N GLY A 43 7.28 -1.94 -6.03
CA GLY A 43 6.20 -2.89 -6.29
C GLY A 43 6.56 -4.28 -5.77
N ILE A 44 5.57 -5.00 -5.31
CA ILE A 44 5.74 -6.37 -4.85
C ILE A 44 4.91 -7.29 -5.73
N VAL A 45 5.57 -8.17 -6.48
CA VAL A 45 4.92 -9.03 -7.46
C VAL A 45 5.18 -10.49 -7.12
N GLY A 46 4.40 -11.35 -7.76
CA GLY A 46 4.51 -12.77 -7.55
C GLY A 46 3.17 -13.41 -7.88
N ARG A 47 3.22 -14.73 -8.03
CA ARG A 47 2.01 -15.49 -8.24
C ARG A 47 1.18 -15.50 -6.96
N THR A 48 -0.08 -15.90 -7.08
CA THR A 48 -0.87 -16.08 -5.87
C THR A 48 -0.22 -17.15 -5.00
N GLY A 49 -0.27 -16.95 -3.69
CA GLY A 49 0.43 -17.82 -2.75
C GLY A 49 1.90 -17.50 -2.57
N ALA A 50 2.45 -16.58 -3.37
CA ALA A 50 3.87 -16.29 -3.30
C ALA A 50 4.25 -15.55 -2.03
N GLY A 51 3.28 -15.00 -1.31
CA GLY A 51 3.55 -14.29 -0.08
C GLY A 51 3.64 -12.78 -0.21
N LYS A 52 3.20 -12.21 -1.35
CA LYS A 52 3.09 -10.76 -1.48
C LYS A 52 2.42 -10.15 -0.27
N SER A 53 1.20 -10.62 0.04
CA SER A 53 0.45 -10.08 1.17
C SER A 53 1.22 -10.19 2.47
N SER A 54 2.01 -11.26 2.63
CA SER A 54 2.66 -11.51 3.90
C SER A 54 3.67 -10.43 4.26
N LEU A 55 4.30 -9.81 3.25
CA LEU A 55 5.17 -8.68 3.54
C LEU A 55 4.39 -7.55 4.18
N ALA A 56 3.32 -7.10 3.52
CA ALA A 56 2.44 -6.10 4.11
C ALA A 56 1.88 -6.58 5.43
N SER A 57 1.46 -7.84 5.50
CA SER A 57 0.97 -8.39 6.75
C SER A 57 2.03 -8.31 7.84
N GLY A 58 3.30 -8.53 7.50
CA GLY A 58 4.38 -8.45 8.47
C GLY A 58 4.75 -7.03 8.85
N LEU A 59 4.70 -6.14 7.86
CA LEU A 59 5.05 -4.74 8.11
C LEU A 59 4.08 -4.11 9.11
N LEU A 60 2.79 -4.41 8.96
CA LEU A 60 1.78 -3.92 9.89
C LEU A 60 1.73 -4.73 11.18
N ARG A 61 2.58 -5.76 11.31
CA ARG A 61 2.55 -6.66 12.47
C ARG A 61 1.13 -7.19 12.71
N LEU A 62 0.44 -7.53 11.62
CA LEU A 62 -0.76 -8.36 11.70
C LEU A 62 -0.40 -9.76 12.15
N GLN A 63 0.75 -10.23 11.72
CA GLN A 63 1.36 -11.46 12.18
C GLN A 63 2.71 -11.07 12.73
N GLU A 64 3.09 -11.61 13.89
CA GLU A 64 4.41 -11.30 14.40
C GLU A 64 5.48 -12.00 13.56
N ALA A 65 6.69 -11.45 13.62
CA ALA A 65 7.81 -12.12 12.97
C ALA A 65 8.00 -13.51 13.58
N ALA A 66 8.09 -14.52 12.72
CA ALA A 66 8.49 -15.85 13.15
C ALA A 66 10.00 -16.00 13.22
N GLU A 67 10.70 -15.34 12.31
CA GLU A 67 12.15 -15.26 12.31
C GLU A 67 12.58 -13.87 11.86
N GLY A 68 13.81 -13.51 12.16
CA GLY A 68 14.30 -12.22 11.72
C GLY A 68 13.43 -11.09 12.23
N GLY A 69 13.34 -10.02 11.44
CA GLY A 69 12.65 -8.85 11.93
C GLY A 69 12.47 -7.83 10.83
N ILE A 70 11.70 -6.79 11.15
CA ILE A 70 11.44 -5.70 10.24
C ILE A 70 11.84 -4.40 10.93
N TRP A 71 12.45 -3.50 10.17
CA TRP A 71 12.85 -2.20 10.66
C TRP A 71 12.26 -1.11 9.78
N ILE A 72 11.89 0.00 10.42
CA ILE A 72 11.52 1.21 9.71
C ILE A 72 12.36 2.34 10.27
N ASP A 73 13.18 2.94 9.41
CA ASP A 73 14.10 4.01 9.78
C ASP A 73 14.93 3.60 11.01
N GLY A 74 15.54 2.42 10.92
CA GLY A 74 16.35 1.89 11.99
C GLY A 74 15.59 1.36 13.17
N VAL A 75 14.28 1.53 13.22
CA VAL A 75 13.48 1.19 14.39
C VAL A 75 12.91 -0.22 14.21
N PRO A 76 13.20 -1.15 15.10
CA PRO A 76 12.58 -2.48 14.99
C PRO A 76 11.11 -2.43 15.35
N ILE A 77 10.23 -2.67 14.38
CA ILE A 77 8.79 -2.52 14.62
C ILE A 77 8.27 -3.50 15.65
N ALA A 78 9.00 -4.60 15.90
CA ALA A 78 8.61 -5.55 16.95
C ALA A 78 8.49 -4.87 18.31
N HIS A 79 9.26 -3.79 18.52
CA HIS A 79 9.25 -3.08 19.79
C HIS A 79 8.36 -1.85 19.76
N VAL A 80 7.74 -1.56 18.62
CA VAL A 80 6.83 -0.43 18.47
C VAL A 80 5.42 -0.92 18.79
N GLY A 81 4.69 -0.13 19.58
CA GLY A 81 3.33 -0.47 19.87
C GLY A 81 2.48 -0.46 18.60
N LEU A 82 1.53 -1.38 18.54
CA LEU A 82 0.75 -1.56 17.32
C LEU A 82 0.00 -0.29 16.95
N HIS A 83 -0.53 0.42 17.96
CA HIS A 83 -1.26 1.66 17.66
C HIS A 83 -0.35 2.68 16.99
N THR A 84 0.91 2.75 17.41
CA THR A 84 1.86 3.62 16.72
C THR A 84 2.19 3.09 15.34
N LEU A 85 2.28 1.76 15.18
CA LEU A 85 2.73 1.21 13.90
C LEU A 85 1.71 1.46 12.81
N ARG A 86 0.42 1.31 13.11
CA ARG A 86 -0.60 1.34 12.07
C ARG A 86 -1.26 2.70 11.93
N SER A 87 -0.91 3.66 12.77
CA SER A 87 -1.38 5.01 12.58
C SER A 87 -0.43 5.83 11.72
N ARG A 88 0.81 5.38 11.56
CA ARG A 88 1.80 6.08 10.75
C ARG A 88 2.05 5.42 9.40
N ILE A 89 1.43 4.27 9.14
CA ILE A 89 1.46 3.62 7.83
C ILE A 89 0.03 3.62 7.28
N SER A 90 -0.13 4.11 6.07
CA SER A 90 -1.44 4.15 5.42
C SER A 90 -1.64 2.89 4.60
N ILE A 91 -2.66 2.09 4.94
CA ILE A 91 -2.92 0.83 4.26
C ILE A 91 -4.14 1.03 3.34
N ILE A 92 -3.95 0.83 2.04
CA ILE A 92 -5.05 0.91 1.09
C ILE A 92 -5.40 -0.51 0.67
N PRO A 93 -6.50 -1.09 1.15
CA PRO A 93 -6.85 -2.45 0.73
C PRO A 93 -7.44 -2.49 -0.67
N GLN A 94 -7.72 -3.69 -1.17
CA GLN A 94 -8.32 -3.84 -2.48
C GLN A 94 -9.76 -3.38 -2.39
N ASP A 95 -10.46 -3.83 -1.38
CA ASP A 95 -11.81 -3.33 -1.14
C ASP A 95 -11.81 -2.61 0.18
N PRO A 96 -11.46 -1.31 0.21
CA PRO A 96 -11.53 -0.56 1.47
C PRO A 96 -12.94 -0.61 2.02
N ILE A 97 -13.06 -0.52 3.33
CA ILE A 97 -14.38 -0.58 3.96
C ILE A 97 -14.60 0.71 4.72
N LEU A 98 -15.55 1.51 4.27
CA LEU A 98 -15.94 2.68 5.03
C LEU A 98 -16.75 2.23 6.23
N PHE A 99 -16.58 2.93 7.31
CA PHE A 99 -17.43 2.53 8.41
C PHE A 99 -18.71 3.36 8.40
N PRO A 100 -19.79 2.85 8.99
CA PRO A 100 -21.03 3.63 9.04
C PRO A 100 -20.79 4.96 9.72
N GLY A 101 -21.20 6.02 9.06
CA GLY A 101 -20.85 7.36 9.46
C GLY A 101 -20.74 8.23 8.23
N SER A 102 -20.37 9.49 8.45
CA SER A 102 -20.30 10.41 7.33
C SER A 102 -19.01 10.20 6.55
N LEU A 103 -19.02 10.71 5.33
CA LEU A 103 -17.78 10.72 4.53
C LEU A 103 -16.65 11.41 5.28
N ARG A 104 -16.96 12.51 5.94
CA ARG A 104 -15.99 13.33 6.65
C ARG A 104 -15.29 12.59 7.76
N MET A 105 -16.04 11.76 8.46
CA MET A 105 -15.54 10.95 9.57
C MET A 105 -14.57 9.92 9.06
N ASN A 106 -14.91 9.32 7.94
CA ASN A 106 -14.03 8.34 7.31
C ASN A 106 -12.74 9.03 6.81
N LEU A 107 -12.87 10.22 6.23
CA LEU A 107 -11.69 10.96 5.80
C LEU A 107 -10.90 11.53 6.98
N ASP A 108 -11.60 11.90 8.08
CA ASP A 108 -10.93 12.59 9.20
C ASP A 108 -11.64 12.24 10.52
N LEU A 109 -11.39 11.02 11.00
CA LEU A 109 -12.02 10.51 12.21
C LEU A 109 -11.69 11.36 13.44
N LEU A 110 -10.47 11.85 13.53
CA LEU A 110 -10.07 12.62 14.70
C LEU A 110 -10.50 14.07 14.65
N GLN A 111 -11.16 14.51 13.56
CA GLN A 111 -11.54 15.92 13.37
C GLN A 111 -10.34 16.85 13.57
N GLU A 112 -9.21 16.48 12.98
CA GLU A 112 -8.02 17.31 13.00
C GLU A 112 -7.99 18.33 11.87
N HIS A 113 -8.83 18.18 10.84
CA HIS A 113 -8.78 19.04 9.69
C HIS A 113 -10.11 19.75 9.45
N SER A 114 -9.98 20.91 8.81
CA SER A 114 -11.10 21.68 8.31
C SER A 114 -11.73 20.99 7.11
N ASP A 115 -12.97 21.38 6.81
CA ASP A 115 -13.59 20.96 5.56
C ASP A 115 -12.77 21.41 4.36
N GLU A 116 -12.14 22.58 4.45
CA GLU A 116 -11.34 23.08 3.33
C GLU A 116 -10.19 22.13 3.02
N ALA A 117 -9.41 21.75 4.05
CA ALA A 117 -8.28 20.84 3.84
C ALA A 117 -8.74 19.52 3.22
N ILE A 118 -9.89 19.01 3.66
CA ILE A 118 -10.44 17.79 3.12
C ILE A 118 -10.72 17.94 1.63
N TRP A 119 -11.50 18.96 1.27
CA TRP A 119 -11.75 19.22 -0.15
C TRP A 119 -10.44 19.38 -0.91
N ALA A 120 -9.42 19.95 -0.27
CA ALA A 120 -8.14 20.11 -0.94
C ALA A 120 -7.52 18.76 -1.25
N ALA A 121 -7.61 17.82 -0.32
CA ALA A 121 -7.10 16.48 -0.58
C ALA A 121 -7.98 15.75 -1.58
N LEU A 122 -9.30 15.81 -1.39
CA LEU A 122 -10.22 15.20 -2.34
C LEU A 122 -10.01 15.73 -3.74
N GLU A 123 -9.63 16.99 -3.87
CA GLU A 123 -9.27 17.53 -5.16
C GLU A 123 -8.02 16.86 -5.71
N THR A 124 -7.02 16.65 -4.85
CA THR A 124 -5.77 16.09 -5.32
C THR A 124 -5.98 14.73 -6.00
N VAL A 125 -6.89 13.91 -5.46
CA VAL A 125 -7.14 12.59 -6.03
C VAL A 125 -8.35 12.65 -6.95
N GLN A 126 -8.78 13.87 -7.26
CA GLN A 126 -9.92 14.14 -8.17
C GLN A 126 -11.22 13.53 -7.67
N LEU A 127 -11.47 13.63 -6.37
CA LEU A 127 -12.74 13.21 -5.81
C LEU A 127 -13.62 14.38 -5.39
N LYS A 128 -13.13 15.62 -5.57
CA LYS A 128 -13.91 16.79 -5.19
C LYS A 128 -15.22 16.85 -5.94
N ALA A 129 -15.16 16.65 -7.27
CA ALA A 129 -16.37 16.62 -8.06
C ALA A 129 -17.30 15.50 -7.60
N LEU A 130 -16.75 14.30 -7.39
CA LEU A 130 -17.59 13.17 -7.00
C LEU A 130 -18.27 13.42 -5.66
N VAL A 131 -17.51 13.89 -4.66
CA VAL A 131 -18.10 14.11 -3.35
C VAL A 131 -19.07 15.28 -3.38
N ALA A 132 -18.77 16.32 -4.18
CA ALA A 132 -19.68 17.44 -4.33
C ALA A 132 -21.01 16.99 -4.91
N SER A 133 -20.96 16.13 -5.94
CA SER A 133 -22.17 15.51 -6.45
C SER A 133 -22.95 14.79 -5.35
N LEU A 134 -22.26 14.24 -4.35
CA LEU A 134 -22.93 13.41 -3.37
C LEU A 134 -23.89 14.23 -2.51
N PRO A 135 -24.99 13.61 -2.04
CA PRO A 135 -26.06 14.41 -1.43
C PRO A 135 -25.63 15.21 -0.21
N GLY A 136 -25.11 14.55 0.81
CA GLY A 136 -24.60 15.24 1.98
C GLY A 136 -23.22 15.85 1.81
N GLN A 137 -22.62 15.69 0.65
CA GLN A 137 -21.24 16.11 0.37
C GLN A 137 -20.33 15.49 1.43
N LEU A 138 -19.62 16.28 2.23
CA LEU A 138 -18.76 15.73 3.27
C LEU A 138 -19.56 14.96 4.32
N GLN A 139 -20.83 15.30 4.53
CA GLN A 139 -21.69 14.63 5.50
C GLN A 139 -22.41 13.43 4.92
N TYR A 140 -22.08 13.09 3.69
CA TYR A 140 -22.69 11.98 3.01
C TYR A 140 -22.47 10.77 3.86
N LYS A 141 -23.51 9.98 4.07
CA LYS A 141 -23.42 8.81 4.92
C LYS A 141 -23.23 7.56 4.10
N CYS A 142 -22.13 6.89 4.39
CA CYS A 142 -21.73 5.69 3.70
C CYS A 142 -21.51 4.56 4.66
N ALA A 143 -22.22 3.46 4.46
CA ALA A 143 -22.07 2.32 5.33
C ALA A 143 -20.66 1.77 5.20
N ARG A 145 -24.75 4.44 3.19
CA ARG A 145 -25.56 3.45 3.89
C ARG A 145 -26.23 2.48 2.94
N GLY A 146 -27.27 2.94 2.25
CA GLY A 146 -27.95 2.06 1.34
C GLY A 146 -27.03 1.60 0.24
N GLU A 147 -26.25 2.53 -0.31
CA GLU A 147 -25.34 2.22 -1.40
C GLU A 147 -23.92 2.63 -1.05
N ASP A 148 -22.96 2.03 -1.73
CA ASP A 148 -21.55 2.33 -1.48
C ASP A 148 -20.91 2.86 -2.73
N LEU A 149 -19.76 3.50 -2.56
CA LEU A 149 -19.01 4.00 -3.69
C LEU A 149 -18.23 2.88 -4.32
N SER A 150 -17.90 3.07 -5.56
CA SER A 150 -17.10 2.07 -6.28
C SER A 150 -15.78 1.87 -5.58
N VAL A 151 -15.22 0.66 -5.72
CA VAL A 151 -13.92 0.34 -5.11
C VAL A 151 -12.86 1.36 -5.48
N GLY A 152 -12.81 1.76 -6.75
CA GLY A 152 -11.88 2.79 -7.17
C GLY A 152 -11.97 4.06 -6.33
N GLN A 153 -13.20 4.56 -6.09
CA GLN A 153 -13.37 5.78 -5.30
C GLN A 153 -12.97 5.58 -3.84
N LYS A 154 -13.27 4.41 -3.27
CA LYS A 154 -12.89 4.18 -1.88
C LYS A 154 -11.38 4.12 -1.74
N GLN A 155 -10.68 3.57 -2.74
CA GLN A 155 -9.23 3.66 -2.77
C GLN A 155 -8.78 5.12 -2.80
N LEU A 156 -9.42 5.93 -3.66
CA LEU A 156 -9.10 7.35 -3.73
C LEU A 156 -9.30 8.03 -2.38
N LEU A 157 -10.45 7.77 -1.74
CA LEU A 157 -10.68 8.29 -0.40
C LEU A 157 -9.55 7.89 0.54
N CYS A 158 -9.17 6.62 0.51
CA CYS A 158 -8.05 6.18 1.33
C CYS A 158 -6.80 6.97 0.99
N LEU A 159 -6.55 7.19 -0.30
CA LEU A 159 -5.45 8.08 -0.69
C LEU A 159 -5.64 9.46 -0.11
N ALA A 160 -6.86 9.99 -0.22
CA ALA A 160 -7.16 11.32 0.33
C ALA A 160 -6.84 11.38 1.82
N ARG A 161 -7.27 10.37 2.57
CA ARG A 161 -6.97 10.38 4.00
C ARG A 161 -5.47 10.28 4.22
N ALA A 162 -4.79 9.48 3.38
CA ALA A 162 -3.35 9.35 3.47
C ALA A 162 -2.66 10.68 3.23
N LEU A 163 -3.17 11.46 2.28
CA LEU A 163 -2.64 12.81 2.08
C LEU A 163 -2.87 13.70 3.29
N LEU A 164 -4.08 13.62 3.88
CA LEU A 164 -4.38 14.42 5.06
C LEU A 164 -3.52 14.02 6.24
N ARG A 165 -3.26 12.71 6.40
CA ARG A 165 -2.42 12.23 7.49
C ARG A 165 -0.95 12.57 7.28
N LYS A 166 -0.52 12.86 6.06
CA LYS A 166 0.89 13.10 5.76
C LYS A 166 1.74 11.91 6.21
N THR A 167 1.23 10.70 6.03
CA THR A 167 2.00 9.52 6.39
C THR A 167 3.20 9.38 5.47
N GLN A 168 4.25 8.78 6.00
CA GLN A 168 5.48 8.57 5.25
C GLN A 168 5.46 7.27 4.46
N ILE A 169 4.75 6.27 4.95
CA ILE A 169 4.71 4.95 4.34
C ILE A 169 3.28 4.66 3.89
N LEU A 170 3.18 4.07 2.71
CA LEU A 170 1.91 3.84 2.03
C LEU A 170 1.94 2.42 1.47
N ILE A 171 1.10 1.55 2.00
CA ILE A 171 0.97 0.19 1.48
C ILE A 171 -0.32 0.14 0.68
N LEU A 172 -0.19 -0.16 -0.59
CA LEU A 172 -1.34 -0.22 -1.47
C LEU A 172 -1.52 -1.60 -2.05
N ASP A 173 -2.63 -2.24 -1.76
CA ASP A 173 -2.88 -3.55 -2.31
C ASP A 173 -3.63 -3.25 -3.57
N GLU A 174 -3.04 -3.60 -4.69
CA GLU A 174 -3.65 -3.27 -5.95
C GLU A 174 -4.99 -3.91 -6.16
N ALA A 175 -5.90 -3.12 -6.69
CA ALA A 175 -7.24 -3.61 -6.95
C ALA A 175 -7.27 -4.51 -8.15
N THR A 176 -8.18 -5.47 -8.12
CA THR A 176 -8.29 -6.39 -9.20
C THR A 176 -9.72 -6.61 -9.55
N ALA A 177 -10.47 -7.08 -8.57
CA ALA A 177 -11.86 -7.45 -8.79
C ALA A 177 -12.89 -6.50 -9.34
N ALA A 178 -12.96 -5.27 -8.85
CA ALA A 178 -14.03 -4.43 -9.34
C ALA A 178 -13.64 -3.27 -10.20
N VAL A 179 -12.62 -2.57 -9.80
CA VAL A 179 -12.24 -1.38 -10.50
C VAL A 179 -11.76 -1.60 -11.92
N ASP A 180 -12.02 -0.60 -12.74
CA ASP A 180 -11.55 -0.55 -14.12
C ASP A 180 -10.04 -0.71 -14.22
N PRO A 181 -9.53 -1.69 -15.00
CA PRO A 181 -8.06 -1.77 -15.19
C PRO A 181 -7.45 -0.50 -15.75
N GLY A 182 -8.10 0.17 -16.71
CA GLY A 182 -7.57 1.43 -17.18
C GLY A 182 -7.59 2.52 -16.11
N THR A 183 -8.67 2.59 -15.32
CA THR A 183 -8.74 3.56 -14.23
C THR A 183 -7.77 3.19 -13.12
N GLU A 184 -7.76 1.93 -12.70
CA GLU A 184 -6.85 1.50 -11.65
C GLU A 184 -5.42 1.77 -12.05
N LEU A 185 -5.08 1.58 -13.30
CA LEU A 185 -3.71 1.89 -13.72
C LEU A 185 -3.48 3.39 -13.75
N GLN A 186 -4.52 4.17 -14.09
CA GLN A 186 -4.38 5.61 -14.10
C GLN A 186 -4.04 6.15 -12.72
N MET A 187 -4.62 5.58 -11.66
CA MET A 187 -4.29 6.02 -10.31
C MET A 187 -2.85 5.66 -9.94
N GLN A 188 -2.37 4.51 -10.37
CA GLN A 188 -1.01 4.09 -10.05
C GLN A 188 -0.03 5.10 -10.57
N ALA A 189 -0.26 5.58 -11.78
CA ALA A 189 0.66 6.57 -12.35
C ALA A 189 0.77 7.80 -11.45
N MET A 190 -0.37 8.34 -11.04
CA MET A 190 -0.37 9.59 -10.28
C MET A 190 -0.12 9.39 -8.80
N LEU A 191 -0.01 8.15 -8.34
CA LEU A 191 0.60 7.88 -7.04
C LEU A 191 1.98 8.51 -6.95
N GLY A 192 2.75 8.44 -8.03
CA GLY A 192 4.11 8.98 -8.00
C GLY A 192 4.14 10.47 -7.75
N SER A 193 3.17 11.21 -8.30
CA SER A 193 3.13 12.64 -8.07
C SER A 193 2.50 12.98 -6.73
N TRP A 194 1.44 12.27 -6.36
CA TRP A 194 0.69 12.60 -5.15
C TRP A 194 1.49 12.30 -3.89
N PHE A 195 2.31 11.26 -3.93
CA PHE A 195 3.10 10.88 -2.76
C PHE A 195 4.56 10.82 -3.15
N ALA A 196 5.06 11.91 -3.74
CA ALA A 196 6.39 11.90 -4.33
C ALA A 196 7.46 11.59 -3.29
N GLN A 197 7.26 12.05 -2.06
CA GLN A 197 8.24 11.88 -1.01
C GLN A 197 7.92 10.68 -0.11
N CYS A 198 6.80 10.03 -0.32
CA CYS A 198 6.41 8.90 0.51
C CYS A 198 7.04 7.60 0.05
N THR A 199 7.23 6.70 0.99
CA THR A 199 7.55 5.33 0.65
C THR A 199 6.26 4.60 0.34
N VAL A 200 6.16 4.05 -0.86
CA VAL A 200 4.93 3.38 -1.29
C VAL A 200 5.24 1.92 -1.60
N LEU A 201 4.57 1.03 -0.90
CA LEU A 201 4.65 -0.40 -1.15
C LEU A 201 3.40 -0.80 -1.90
N LEU A 202 3.56 -1.17 -3.15
CA LEU A 202 2.45 -1.58 -3.96
C LEU A 202 2.42 -3.08 -4.06
N ILE A 203 1.38 -3.72 -3.52
CA ILE A 203 1.30 -5.15 -3.64
C ILE A 203 0.61 -5.25 -4.96
N ALA A 204 1.25 -5.84 -5.95
CA ALA A 204 0.67 -5.85 -7.27
C ALA A 204 0.19 -7.17 -7.82
N HIS A 205 -1.06 -7.15 -8.24
CA HIS A 205 -1.68 -8.29 -8.86
C HIS A 205 -1.78 -8.09 -10.36
N ASP A 206 -1.25 -6.98 -10.85
CA ASP A 206 -1.22 -6.64 -12.25
C ASP A 206 0.20 -6.16 -12.51
N LEU A 207 0.92 -6.88 -13.32
CA LEU A 207 2.32 -6.56 -13.60
C LEU A 207 2.48 -5.22 -14.30
N ARG A 208 1.38 -4.62 -14.81
CA ARG A 208 1.50 -3.34 -15.49
C ARG A 208 1.78 -2.21 -14.51
N SER A 209 1.36 -2.38 -13.26
CA SER A 209 1.57 -1.34 -12.29
C SER A 209 2.95 -1.24 -11.74
N VAL A 210 3.70 -2.31 -11.77
CA VAL A 210 5.06 -2.26 -11.22
C VAL A 210 6.10 -1.77 -12.21
N MET A 211 5.73 -1.55 -13.47
CA MET A 211 6.73 -1.26 -14.49
C MET A 211 7.43 0.07 -14.24
N ASP A 212 6.78 1.00 -13.55
CA ASP A 212 7.36 2.31 -13.27
C ASP A 212 8.05 2.39 -11.92
N CYS A 213 8.02 1.32 -11.12
CA CYS A 213 8.64 1.38 -9.81
C CYS A 213 10.16 1.46 -9.94
N ALA A 214 10.80 2.06 -8.92
CA ALA A 214 12.26 2.09 -8.89
C ALA A 214 12.83 0.71 -8.63
N ARG A 215 12.15 -0.07 -7.79
CA ARG A 215 12.57 -1.42 -7.44
C ARG A 215 11.33 -2.29 -7.30
N VAL A 216 11.40 -3.50 -7.82
CA VAL A 216 10.34 -4.49 -7.70
C VAL A 216 10.90 -5.68 -6.95
N LEU A 217 10.12 -6.21 -6.01
CA LEU A 217 10.47 -7.42 -5.29
C LEU A 217 9.58 -8.56 -5.78
N VAL A 218 10.20 -9.66 -6.19
CA VAL A 218 9.50 -10.78 -6.80
C VAL A 218 9.41 -11.89 -5.78
N MET A 219 8.21 -12.18 -5.30
CA MET A 219 7.99 -13.27 -4.37
C MET A 219 7.75 -14.58 -5.12
N ASP A 220 8.25 -15.66 -4.56
CA ASP A 220 8.09 -16.99 -5.16
C ASP A 220 8.11 -18.02 -4.05
N LYS A 221 6.96 -18.65 -3.80
CA LYS A 221 6.84 -19.71 -2.79
C LYS A 221 7.40 -19.26 -1.45
N GLY A 222 7.02 -18.05 -1.03
CA GLY A 222 7.37 -17.54 0.27
C GLY A 222 8.76 -16.95 0.40
N GLN A 223 9.54 -16.91 -0.68
CA GLN A 223 10.89 -16.37 -0.64
C GLN A 223 11.05 -15.28 -1.70
N VAL A 224 12.06 -14.43 -1.51
CA VAL A 224 12.35 -13.36 -2.45
C VAL A 224 13.21 -13.95 -3.56
N ALA A 225 12.59 -14.22 -4.70
CA ALA A 225 13.28 -14.83 -5.82
C ALA A 225 14.06 -13.82 -6.65
N GLU A 226 13.65 -12.55 -6.64
CA GLU A 226 14.29 -11.54 -7.46
C GLU A 226 14.10 -10.18 -6.82
N SER A 227 15.02 -9.26 -7.13
CA SER A 227 15.00 -7.92 -6.57
C SER A 227 15.79 -6.99 -7.47
N GLY A 228 15.21 -5.86 -7.83
CA GLY A 228 15.90 -4.90 -8.66
C GLY A 228 14.91 -4.02 -9.40
N SER A 229 15.47 -3.14 -10.22
CA SER A 229 14.64 -2.32 -11.08
C SER A 229 13.94 -3.20 -12.13
N PRO A 230 12.82 -2.72 -12.70
CA PRO A 230 12.18 -3.52 -13.76
C PRO A 230 13.13 -3.86 -14.89
N ALA A 231 13.88 -2.88 -15.38
CA ALA A 231 14.81 -3.15 -16.47
C ALA A 231 15.81 -4.22 -16.08
N GLN A 232 16.28 -4.19 -14.84
CA GLN A 232 17.21 -5.22 -14.38
C GLN A 232 16.55 -6.58 -14.32
N LEU A 233 15.39 -6.65 -13.65
CA LEU A 233 14.64 -7.90 -13.59
C LEU A 233 14.31 -8.43 -14.97
N LEU A 234 13.89 -7.53 -15.87
CA LEU A 234 13.64 -7.98 -17.24
C LEU A 234 14.93 -8.41 -17.92
N ALA A 235 16.03 -7.72 -17.64
CA ALA A 235 17.32 -8.07 -18.24
C ALA A 235 17.78 -9.44 -17.76
N GLN A 236 17.39 -9.84 -16.55
CA GLN A 236 17.81 -11.13 -16.02
C GLN A 236 17.02 -12.29 -16.61
N LYS A 237 15.93 -12.00 -17.32
CA LYS A 237 15.07 -13.04 -17.91
C LYS A 237 14.72 -14.12 -16.89
N GLY A 238 14.23 -13.69 -15.73
CA GLY A 238 13.80 -14.62 -14.70
C GLY A 238 12.29 -14.67 -14.49
N LEU A 239 11.86 -14.84 -13.24
CA LEU A 239 10.44 -14.95 -12.94
C LEU A 239 9.70 -13.67 -13.29
N PHE A 240 10.28 -12.51 -12.97
CA PHE A 240 9.64 -11.25 -13.34
C PHE A 240 9.48 -11.15 -14.84
N TYR A 241 10.55 -11.44 -15.59
CA TYR A 241 10.46 -11.46 -17.04
C TYR A 241 9.42 -12.46 -17.52
N ARG A 242 9.38 -13.65 -16.91
CA ARG A 242 8.36 -14.61 -17.28
C ARG A 242 6.96 -14.07 -16.97
N LEU A 243 6.76 -13.53 -15.76
CA LEU A 243 5.48 -12.93 -15.40
C LEU A 243 5.08 -11.82 -16.38
N ALA A 244 6.06 -11.04 -16.85
CA ALA A 244 5.76 -10.03 -17.88
C ALA A 244 5.32 -10.68 -19.19
N GLN A 245 5.98 -11.77 -19.58
CA GLN A 245 5.55 -12.48 -20.79
C GLN A 245 4.10 -12.94 -20.66
N GLU A 246 3.78 -13.64 -19.58
CA GLU A 246 2.43 -14.19 -19.41
C GLU A 246 1.35 -13.13 -19.39
N SER A 247 1.70 -11.90 -19.00
CA SER A 247 0.75 -10.78 -18.97
C SER A 247 0.62 -10.09 -20.32
N GLY A 248 1.38 -10.50 -21.33
CA GLY A 248 1.35 -9.89 -22.65
C GLY A 248 2.19 -8.64 -22.82
N LEU A 249 3.04 -8.31 -21.85
CA LEU A 249 3.86 -7.11 -21.94
C LEU A 249 5.12 -7.38 -22.76
N VAL A 250 5.70 -8.56 -22.55
CA VAL A 250 6.75 -9.12 -23.40
C VAL A 250 6.15 -10.33 -24.14
S SO4 B . 0.05 -13.70 -2.12
O1 SO4 B . 1.28 -13.87 -2.90
O2 SO4 B . -0.90 -12.81 -2.77
O3 SO4 B . -0.62 -14.99 -1.98
O4 SO4 B . 0.37 -13.20 -0.79
#